data_5XTT
#
_entry.id   5XTT
#
_cell.length_a   49.051
_cell.length_b   59.085
_cell.length_c   122.092
_cell.angle_alpha   90.00
_cell.angle_beta   90.00
_cell.angle_gamma   90.00
#
_symmetry.space_group_name_H-M   'P 21 21 21'
#
loop_
_entity.id
_entity.type
_entity.pdbx_description
1 polymer beta-1,4-mannanase
2 branched beta-D-mannopyranose-(1-4)-beta-D-mannopyranose-(1-4)-beta-D-mannopyranose
3 water water
#
_entity_poly.entity_id   1
_entity_poly.type   'polypeptide(L)'
_entity_poly.pdbx_seq_one_letter_code
;ADRGTETVPGLGQRKQQILNSGGGVWDLAIAMLETKNLGTDYVYGDGKTYDSANFGIFKQNWFMLRTSTSQFKGQTTNQW
NNGAVLNSNLQQDIKARQESQNYYGPDKWFAGHRNGESGLSNPYTQDITNYKDAVNWIHDQLASDPKYLSDDTRFWVDVT
AI
;
_entity_poly.pdbx_strand_id   A,B
#
loop_
_chem_comp.id
_chem_comp.type
_chem_comp.name
_chem_comp.formula
BMA D-saccharide, beta linking beta-D-mannopyranose 'C6 H12 O6'
#
# COMPACT_ATOMS: atom_id res chain seq x y z
N ASP A 2 -2.35 3.67 26.36
CA ASP A 2 -1.72 2.40 26.70
C ASP A 2 -1.94 1.43 25.53
N ARG A 3 -1.25 0.31 25.60
CA ARG A 3 -1.28 -0.71 24.56
C ARG A 3 -0.98 -2.05 25.23
N GLY A 4 -1.18 -3.14 24.50
CA GLY A 4 -0.85 -4.44 25.07
C GLY A 4 -1.30 -5.58 24.19
N THR A 5 -1.46 -6.73 24.83
CA THR A 5 -1.81 -7.99 24.18
C THR A 5 -3.04 -8.58 24.81
N GLU A 6 -3.74 -9.41 24.04
CA GLU A 6 -4.83 -10.21 24.60
C GLU A 6 -5.10 -11.37 23.66
N THR A 7 -5.50 -12.50 24.24
CA THR A 7 -5.76 -13.70 23.46
C THR A 7 -7.23 -13.76 23.10
N VAL A 8 -7.52 -13.90 21.81
CA VAL A 8 -8.89 -13.93 21.31
C VAL A 8 -9.10 -15.24 20.57
N PRO A 9 -9.94 -16.15 21.06
CA PRO A 9 -10.14 -17.43 20.34
C PRO A 9 -10.69 -17.19 18.94
N GLY A 10 -10.22 -18.02 18.00
CA GLY A 10 -10.59 -17.91 16.61
C GLY A 10 -9.79 -16.89 15.82
N LEU A 11 -8.89 -16.17 16.49
CA LEU A 11 -8.22 -15.07 15.82
C LEU A 11 -7.24 -15.58 14.78
N GLY A 12 -6.51 -16.66 15.11
CA GLY A 12 -5.57 -17.23 14.15
C GLY A 12 -6.23 -17.70 12.88
N GLN A 13 -7.47 -18.21 12.97
CA GLN A 13 -8.19 -18.59 11.75
C GLN A 13 -8.40 -17.39 10.85
N ARG A 14 -8.82 -16.27 11.44
CA ARG A 14 -9.08 -15.06 10.67
C ARG A 14 -7.79 -14.47 10.11
N LYS A 15 -6.74 -14.41 10.93
CA LYS A 15 -5.42 -14.02 10.42
C LYS A 15 -5.10 -14.78 9.14
N GLN A 16 -5.19 -16.10 9.20
CA GLN A 16 -4.79 -16.90 8.05
C GLN A 16 -5.74 -16.70 6.89
N GLN A 17 -7.03 -16.49 7.15
CA GLN A 17 -7.93 -16.26 6.03
C GLN A 17 -7.63 -14.91 5.38
N ILE A 18 -7.30 -13.90 6.19
CA ILE A 18 -6.91 -12.61 5.63
C ILE A 18 -5.67 -12.75 4.78
N LEU A 19 -4.68 -13.50 5.29
CA LEU A 19 -3.43 -13.64 4.58
C LEU A 19 -3.54 -14.58 3.38
N ASN A 20 -4.58 -15.41 3.32
CA ASN A 20 -4.80 -16.28 2.16
C ASN A 20 -5.85 -15.73 1.20
N SER A 21 -6.34 -14.51 1.44
CA SER A 21 -7.34 -13.88 0.59
C SER A 21 -6.81 -12.59 -0.02
N GLY A 22 -5.49 -12.50 -0.18
CA GLY A 22 -4.84 -11.37 -0.79
C GLY A 22 -4.31 -10.34 0.18
N GLY A 23 -4.58 -10.52 1.47
CA GLY A 23 -4.12 -9.55 2.44
C GLY A 23 -2.67 -9.78 2.83
N GLY A 24 -2.02 -8.69 3.25
CA GLY A 24 -0.69 -8.74 3.79
C GLY A 24 -0.68 -8.48 5.28
N VAL A 25 0.52 -8.55 5.85
CA VAL A 25 0.66 -8.25 7.27
C VAL A 25 0.22 -6.82 7.55
N TRP A 26 0.40 -5.92 6.60
CA TRP A 26 -0.04 -4.55 6.78
C TRP A 26 -1.56 -4.48 6.89
N ASP A 27 -2.27 -5.19 6.00
CA ASP A 27 -3.72 -5.27 6.11
C ASP A 27 -4.15 -5.84 7.45
N LEU A 28 -3.44 -6.86 7.92
CA LEU A 28 -3.76 -7.48 9.21
C LEU A 28 -3.65 -6.46 10.35
N ALA A 29 -2.64 -5.61 10.33
CA ALA A 29 -2.45 -4.62 11.40
C ALA A 29 -3.62 -3.65 11.44
N ILE A 30 -4.06 -3.18 10.27
CA ILE A 30 -5.17 -2.23 10.21
C ILE A 30 -6.44 -2.87 10.76
N ALA A 31 -6.72 -4.11 10.32
CA ALA A 31 -7.93 -4.78 10.77
C ALA A 31 -7.88 -5.11 12.25
N MET A 32 -6.70 -5.42 12.77
CA MET A 32 -6.56 -5.72 14.19
C MET A 32 -6.89 -4.51 15.06
N LEU A 33 -6.62 -3.30 14.58
CA LEU A 33 -7.03 -2.13 15.34
C LEU A 33 -8.53 -1.88 15.22
N GLU A 34 -9.14 -2.31 14.10
CA GLU A 34 -10.54 -1.99 13.84
C GLU A 34 -11.49 -2.76 14.75
N THR A 35 -11.24 -4.05 14.95
CA THR A 35 -12.12 -4.91 15.73
C THR A 35 -11.30 -5.89 16.56
N LYS A 36 -11.94 -6.43 17.59
CA LYS A 36 -11.29 -7.44 18.43
C LYS A 36 -11.21 -8.79 17.72
N ASN A 37 -12.23 -9.15 16.94
CA ASN A 37 -12.35 -10.50 16.37
C ASN A 37 -12.00 -10.57 14.88
N LEU A 38 -11.39 -9.52 14.32
CA LEU A 38 -11.14 -9.44 12.88
C LEU A 38 -12.38 -9.80 12.08
N GLY A 39 -13.52 -9.30 12.54
CA GLY A 39 -14.81 -9.64 11.99
C GLY A 39 -15.52 -8.47 11.33
N THR A 40 -16.73 -8.76 10.88
CA THR A 40 -17.60 -7.74 10.29
C THR A 40 -18.94 -7.69 11.01
N ASP A 41 -19.04 -8.27 12.22
CA ASP A 41 -20.31 -8.36 12.93
C ASP A 41 -20.53 -7.24 13.94
N TYR A 42 -19.82 -6.11 13.81
CA TYR A 42 -20.24 -4.93 14.53
C TYR A 42 -21.58 -4.44 13.97
N VAL A 43 -22.19 -3.47 14.67
CA VAL A 43 -23.50 -2.96 14.24
C VAL A 43 -23.42 -2.48 12.78
N TYR A 44 -24.50 -2.70 12.03
CA TYR A 44 -24.52 -2.37 10.61
C TYR A 44 -24.09 -0.93 10.36
N GLY A 45 -23.13 -0.75 9.46
CA GLY A 45 -22.60 0.57 9.17
C GLY A 45 -21.81 1.20 10.29
N ASP A 46 -21.44 0.39 11.30
CA ASP A 46 -20.97 0.89 12.59
C ASP A 46 -21.93 1.95 13.15
N GLY A 47 -23.22 1.78 12.86
CA GLY A 47 -24.22 2.71 13.33
C GLY A 47 -24.27 4.01 12.56
N LYS A 48 -23.51 4.13 11.48
CA LYS A 48 -23.45 5.35 10.68
C LYS A 48 -24.09 5.10 9.32
N THR A 49 -24.43 6.20 8.63
CA THR A 49 -25.16 6.12 7.37
C THR A 49 -24.50 6.99 6.31
N TYR A 50 -24.85 6.71 5.05
CA TYR A 50 -24.40 7.50 3.88
C TYR A 50 -22.88 7.51 3.85
N ASP A 51 -22.23 8.66 3.63
CA ASP A 51 -20.79 8.66 3.43
C ASP A 51 -20.01 8.20 4.67
N SER A 52 -20.64 8.24 5.85
CA SER A 52 -19.96 7.87 7.09
C SER A 52 -20.06 6.39 7.40
N ALA A 53 -20.87 5.63 6.68
CA ALA A 53 -21.10 4.24 7.03
C ALA A 53 -19.82 3.42 6.85
N ASN A 54 -19.58 2.50 7.78
CA ASN A 54 -18.40 1.63 7.80
C ASN A 54 -18.74 0.21 7.39
N PHE A 55 -17.89 -0.39 6.57
CA PHE A 55 -18.11 -1.75 6.06
C PHE A 55 -16.80 -2.54 6.07
N GLY A 56 -16.90 -3.86 6.19
CA GLY A 56 -15.75 -4.73 6.09
C GLY A 56 -14.92 -4.80 7.36
N ILE A 57 -13.87 -5.63 7.30
CA ILE A 57 -13.05 -5.86 8.49
C ILE A 57 -12.20 -4.64 8.86
N PHE A 58 -11.99 -3.71 7.93
CA PHE A 58 -11.25 -2.49 8.22
C PHE A 58 -12.15 -1.35 8.65
N LYS A 59 -13.47 -1.53 8.61
CA LYS A 59 -14.40 -0.42 8.82
C LYS A 59 -14.12 0.72 7.84
N GLN A 60 -13.97 0.38 6.56
CA GLN A 60 -13.83 1.40 5.54
C GLN A 60 -15.12 2.20 5.41
N ASN A 61 -14.99 3.52 5.24
CA ASN A 61 -16.22 4.30 5.13
C ASN A 61 -16.65 4.42 3.66
N TRP A 62 -17.95 4.70 3.47
CA TRP A 62 -18.49 4.68 2.13
C TRP A 62 -17.90 5.77 1.24
N PHE A 63 -17.59 6.95 1.80
CA PHE A 63 -16.94 7.98 0.99
C PHE A 63 -15.69 7.43 0.33
N MET A 64 -14.83 6.77 1.12
CA MET A 64 -13.60 6.20 0.55
C MET A 64 -13.93 5.13 -0.49
N LEU A 65 -14.89 4.26 -0.19
CA LEU A 65 -15.19 3.18 -1.11
C LEU A 65 -15.66 3.70 -2.46
N ARG A 66 -16.59 4.65 -2.44
CA ARG A 66 -17.16 5.16 -3.69
C ARG A 66 -16.20 6.06 -4.45
N THR A 67 -15.13 6.55 -3.83
CA THR A 67 -14.23 7.47 -4.53
C THR A 67 -12.93 6.84 -4.99
N SER A 68 -12.60 5.64 -4.53
CA SER A 68 -11.24 5.16 -4.75
C SER A 68 -11.13 3.64 -4.94
N THR A 69 -12.22 2.93 -5.17
CA THR A 69 -12.18 1.49 -5.38
C THR A 69 -12.80 1.18 -6.73
N SER A 70 -12.23 0.19 -7.43
CA SER A 70 -12.83 -0.19 -8.71
C SER A 70 -14.23 -0.73 -8.52
N GLN A 71 -14.50 -1.38 -7.39
CA GLN A 71 -15.80 -2.02 -7.21
C GLN A 71 -16.92 -1.01 -7.02
N PHE A 72 -16.64 0.15 -6.43
CA PHE A 72 -17.68 1.13 -6.15
C PHE A 72 -17.40 2.49 -6.76
N LYS A 73 -16.34 2.63 -7.57
CA LYS A 73 -16.02 3.92 -8.16
C LYS A 73 -17.22 4.47 -8.94
N GLY A 74 -17.43 5.77 -8.82
CA GLY A 74 -18.51 6.43 -9.52
C GLY A 74 -19.83 6.43 -8.78
N GLN A 75 -19.99 5.59 -7.76
CA GLN A 75 -21.26 5.46 -7.08
C GLN A 75 -21.52 6.67 -6.17
N THR A 76 -22.79 6.87 -5.83
CA THR A 76 -23.24 8.05 -5.11
C THR A 76 -23.32 7.80 -3.62
N THR A 77 -23.45 8.90 -2.87
CA THR A 77 -23.68 8.82 -1.43
C THR A 77 -24.94 8.04 -1.10
N ASN A 78 -25.99 8.23 -1.88
CA ASN A 78 -27.24 7.52 -1.64
C ASN A 78 -27.11 6.01 -1.82
N GLN A 79 -26.11 5.54 -2.55
CA GLN A 79 -25.89 4.13 -2.83
C GLN A 79 -25.15 3.40 -1.70
N TRP A 80 -25.08 4.00 -0.51
CA TRP A 80 -24.16 3.55 0.53
C TRP A 80 -24.41 2.10 0.95
N ASN A 81 -25.65 1.62 0.86
CA ASN A 81 -25.89 0.23 1.26
C ASN A 81 -25.18 -0.76 0.34
N ASN A 82 -24.72 -0.32 -0.83
CA ASN A 82 -24.00 -1.24 -1.70
C ASN A 82 -22.69 -1.70 -1.07
N GLY A 83 -22.20 -0.99 -0.06
CA GLY A 83 -20.96 -1.41 0.56
C GLY A 83 -21.11 -2.58 1.50
N ALA A 84 -22.34 -2.93 1.86
CA ALA A 84 -22.58 -4.03 2.77
C ALA A 84 -22.07 -5.37 2.26
N VAL A 85 -21.89 -5.52 0.92
CA VAL A 85 -21.36 -6.78 0.40
C VAL A 85 -19.98 -7.08 0.98
N LEU A 86 -19.25 -6.04 1.38
CA LEU A 86 -17.93 -6.25 1.96
C LEU A 86 -17.99 -6.92 3.31
N ASN A 87 -19.16 -6.97 3.96
CA ASN A 87 -19.26 -7.65 5.25
C ASN A 87 -19.26 -9.17 5.11
N SER A 88 -19.38 -9.71 3.91
CA SER A 88 -19.28 -11.15 3.76
C SER A 88 -18.44 -11.57 2.56
N ASN A 89 -17.71 -10.65 1.93
CA ASN A 89 -16.77 -11.00 0.87
C ASN A 89 -15.42 -10.44 1.26
N LEU A 90 -14.64 -11.26 1.96
CA LEU A 90 -13.34 -10.83 2.44
C LEU A 90 -12.39 -10.49 1.29
N GLN A 91 -12.41 -11.28 0.22
CA GLN A 91 -11.52 -11.01 -0.90
C GLN A 91 -11.76 -9.61 -1.48
N GLN A 92 -13.03 -9.23 -1.67
CA GLN A 92 -13.32 -7.91 -2.19
C GLN A 92 -13.01 -6.82 -1.16
N ASP A 93 -13.18 -7.16 0.11
CA ASP A 93 -12.90 -6.23 1.21
C ASP A 93 -11.43 -5.81 1.21
N ILE A 94 -10.54 -6.81 1.16
CA ILE A 94 -9.10 -6.56 1.11
C ILE A 94 -8.72 -5.83 -0.17
N LYS A 95 -9.21 -6.28 -1.32
CA LYS A 95 -8.88 -5.61 -2.57
C LYS A 95 -9.34 -4.16 -2.55
N ALA A 96 -10.52 -3.89 -1.99
CA ALA A 96 -11.02 -2.52 -1.91
C ALA A 96 -10.07 -1.66 -1.09
N ARG A 97 -9.63 -2.14 0.07
CA ARG A 97 -8.75 -1.32 0.90
C ARG A 97 -7.41 -1.08 0.20
N GLN A 98 -6.83 -2.13 -0.38
CA GLN A 98 -5.57 -1.95 -1.08
C GLN A 98 -5.72 -0.98 -2.26
N GLU A 99 -6.78 -1.11 -3.05
CA GLU A 99 -7.02 -0.15 -4.12
C GLU A 99 -7.19 1.26 -3.60
N SER A 100 -7.93 1.42 -2.50
CA SER A 100 -8.17 2.74 -1.93
C SER A 100 -6.85 3.39 -1.50
N GLN A 101 -5.98 2.62 -0.83
CA GLN A 101 -4.69 3.16 -0.41
C GLN A 101 -3.81 3.48 -1.63
N ASN A 102 -3.91 2.69 -2.69
CA ASN A 102 -3.13 2.95 -3.90
C ASN A 102 -3.63 4.14 -4.69
N TYR A 103 -4.91 4.49 -4.54
CA TYR A 103 -5.43 5.67 -5.19
C TYR A 103 -5.01 6.92 -4.43
N TYR A 104 -5.23 6.93 -3.12
CA TYR A 104 -4.99 8.13 -2.33
C TYR A 104 -3.54 8.27 -1.91
N GLY A 105 -2.79 7.18 -1.92
CA GLY A 105 -1.51 7.10 -1.27
C GLY A 105 -1.73 6.85 0.20
N PRO A 106 -0.69 6.34 0.88
CA PRO A 106 -0.86 5.98 2.31
C PRO A 106 -1.25 7.15 3.21
N ASP A 107 -0.60 8.30 3.06
CA ASP A 107 -0.88 9.41 3.96
C ASP A 107 -2.32 9.87 3.83
N LYS A 108 -2.77 10.12 2.60
CA LYS A 108 -4.14 10.60 2.43
C LYS A 108 -5.14 9.48 2.65
N TRP A 109 -4.74 8.22 2.41
CA TRP A 109 -5.64 7.12 2.73
C TRP A 109 -5.90 7.07 4.24
N PHE A 110 -4.86 7.25 5.05
CA PHE A 110 -5.07 7.25 6.49
C PHE A 110 -6.00 8.38 6.89
N ALA A 111 -5.82 9.56 6.28
CA ALA A 111 -6.65 10.71 6.62
C ALA A 111 -8.10 10.46 6.25
N GLY A 112 -8.34 9.91 5.07
CA GLY A 112 -9.71 9.67 4.66
C GLY A 112 -10.31 8.48 5.37
N HIS A 113 -9.51 7.47 5.67
CA HIS A 113 -10.02 6.33 6.41
C HIS A 113 -10.41 6.74 7.83
N ARG A 114 -9.66 7.66 8.42
CA ARG A 114 -9.89 8.02 9.82
C ARG A 114 -10.91 9.13 9.97
N ASN A 115 -10.98 10.06 9.03
CA ASN A 115 -11.79 11.26 9.19
C ASN A 115 -12.59 11.60 7.93
N GLY A 116 -12.74 10.64 7.00
CA GLY A 116 -13.59 10.93 5.87
C GLY A 116 -13.05 12.01 4.94
N GLU A 117 -13.98 12.58 4.16
CA GLU A 117 -13.63 13.60 3.19
C GLU A 117 -12.97 14.81 3.86
N SER A 118 -13.40 15.13 5.08
CA SER A 118 -12.75 16.21 5.84
C SER A 118 -11.28 15.91 6.09
N GLY A 119 -10.96 14.65 6.35
CA GLY A 119 -9.56 14.29 6.58
C GLY A 119 -8.67 14.61 5.39
N LEU A 120 -9.21 14.48 4.17
CA LEU A 120 -8.41 14.69 2.98
C LEU A 120 -7.90 16.11 2.87
N SER A 121 -8.63 17.06 3.45
CA SER A 121 -8.22 18.46 3.44
C SER A 121 -7.38 18.83 4.64
N ASN A 122 -7.25 17.93 5.61
CA ASN A 122 -6.46 18.19 6.83
C ASN A 122 -5.85 16.88 7.29
N PRO A 123 -4.85 16.38 6.55
CA PRO A 123 -4.41 14.98 6.72
C PRO A 123 -3.37 14.73 7.78
N TYR A 124 -2.84 15.75 8.43
CA TYR A 124 -1.74 15.55 9.35
C TYR A 124 -2.08 16.05 10.75
N THR A 125 -3.37 15.98 11.12
CA THR A 125 -3.76 16.31 12.47
C THR A 125 -3.12 15.36 13.46
N GLN A 126 -3.11 15.77 14.73
CA GLN A 126 -2.62 14.87 15.76
C GLN A 126 -3.41 13.57 15.77
N ASP A 127 -4.74 13.64 15.57
CA ASP A 127 -5.55 12.42 15.64
C ASP A 127 -5.19 11.45 14.52
N ILE A 128 -4.94 11.95 13.32
CA ILE A 128 -4.59 11.04 12.23
C ILE A 128 -3.22 10.46 12.46
N THR A 129 -2.28 11.30 12.91
CA THR A 129 -0.94 10.83 13.23
C THR A 129 -0.97 9.76 14.32
N ASN A 130 -1.77 9.99 15.36
CA ASN A 130 -1.91 9.00 16.44
C ASN A 130 -2.43 7.68 15.92
N TYR A 131 -3.42 7.72 15.03
CA TYR A 131 -3.92 6.50 14.41
C TYR A 131 -2.85 5.81 13.56
N LYS A 132 -2.15 6.58 12.71
CA LYS A 132 -1.05 6.02 11.94
C LYS A 132 0.03 5.40 12.83
N ASP A 133 0.39 6.08 13.92
CA ASP A 133 1.42 5.53 14.80
C ASP A 133 0.94 4.24 15.46
N ALA A 134 -0.36 4.16 15.77
CA ALA A 134 -0.91 2.95 16.39
C ALA A 134 -0.86 1.77 15.45
N VAL A 135 -1.24 1.97 14.19
CA VAL A 135 -1.17 0.88 13.22
C VAL A 135 0.26 0.43 13.03
N ASN A 136 1.20 1.39 12.96
CA ASN A 136 2.59 1.03 12.77
C ASN A 136 3.12 0.22 13.95
N TRP A 137 2.73 0.59 15.18
CA TRP A 137 3.14 -0.21 16.34
C TRP A 137 2.60 -1.63 16.24
N ILE A 138 1.31 -1.77 15.93
CA ILE A 138 0.73 -3.11 15.80
C ILE A 138 1.44 -3.90 14.71
N HIS A 139 1.74 -3.27 13.58
CA HIS A 139 2.43 -3.98 12.52
C HIS A 139 3.77 -4.50 13.02
N ASP A 140 4.50 -3.66 13.74
CA ASP A 140 5.83 -4.06 14.21
C ASP A 140 5.74 -5.19 15.22
N GLN A 141 4.68 -5.24 16.04
CA GLN A 141 4.54 -6.39 16.92
C GLN A 141 4.22 -7.66 16.12
N LEU A 142 3.34 -7.55 15.12
CA LEU A 142 3.03 -8.72 14.29
C LEU A 142 4.25 -9.21 13.53
N ALA A 143 5.09 -8.28 13.10
CA ALA A 143 6.28 -8.62 12.33
C ALA A 143 7.40 -9.20 13.18
N SER A 144 7.27 -9.13 14.51
CA SER A 144 8.38 -9.45 15.40
C SER A 144 8.53 -10.94 15.65
N ASP A 145 7.50 -11.74 15.37
CA ASP A 145 7.60 -13.19 15.49
C ASP A 145 6.57 -13.81 14.57
N PRO A 146 6.95 -14.75 13.71
CA PRO A 146 5.98 -15.31 12.76
C PRO A 146 4.85 -16.05 13.44
N LYS A 147 5.00 -16.41 14.71
CA LYS A 147 3.90 -17.07 15.40
C LYS A 147 2.68 -16.17 15.49
N TYR A 148 2.88 -14.85 15.55
CA TYR A 148 1.76 -13.93 15.67
C TYR A 148 0.91 -13.86 14.41
N LEU A 149 1.39 -14.39 13.29
CA LEU A 149 0.58 -14.43 12.09
C LEU A 149 -0.47 -15.53 12.10
N SER A 150 -0.42 -16.44 13.07
CA SER A 150 -1.37 -17.55 13.07
C SER A 150 -1.88 -17.93 14.45
N ASP A 151 -1.36 -17.35 15.54
CA ASP A 151 -1.86 -17.64 16.87
C ASP A 151 -3.05 -16.74 17.17
N ASP A 152 -3.58 -16.85 18.38
CA ASP A 152 -4.76 -16.08 18.78
C ASP A 152 -4.39 -14.79 19.50
N THR A 153 -3.18 -14.28 19.28
CA THR A 153 -2.74 -13.07 19.98
C THR A 153 -3.22 -11.83 19.25
N ARG A 154 -3.80 -10.89 19.99
CA ARG A 154 -4.16 -9.57 19.47
C ARG A 154 -3.32 -8.50 20.13
N PHE A 155 -2.75 -7.61 19.32
CA PHE A 155 -2.09 -6.40 19.80
C PHE A 155 -3.07 -5.25 19.68
N TRP A 156 -3.28 -4.52 20.78
CA TRP A 156 -4.25 -3.45 20.80
C TRP A 156 -3.60 -2.13 21.23
N VAL A 157 -4.16 -1.02 20.73
CA VAL A 157 -3.78 0.32 21.15
C VAL A 157 -5.06 1.09 21.44
N ASP A 158 -5.06 1.86 22.52
CA ASP A 158 -6.22 2.69 22.84
C ASP A 158 -5.98 4.06 22.22
N VAL A 159 -6.46 4.24 20.99
CA VAL A 159 -6.24 5.48 20.25
C VAL A 159 -7.16 6.59 20.75
N ASP B 2 15.11 21.37 -8.94
CA ASP B 2 14.54 20.75 -7.75
C ASP B 2 13.40 19.80 -8.10
N ARG B 3 12.40 20.31 -8.81
CA ARG B 3 11.28 19.51 -9.29
C ARG B 3 10.65 20.25 -10.47
N GLY B 4 9.90 19.52 -11.28
CA GLY B 4 9.24 20.16 -12.38
C GLY B 4 8.45 19.18 -13.21
N THR B 5 8.12 19.61 -14.42
CA THR B 5 7.38 18.80 -15.35
C THR B 5 8.15 18.77 -16.67
N GLU B 6 7.99 17.67 -17.40
CA GLU B 6 8.48 17.59 -18.77
C GLU B 6 7.50 16.74 -19.56
N THR B 7 7.52 16.90 -20.87
CA THR B 7 6.70 16.07 -21.75
C THR B 7 7.56 14.96 -22.34
N VAL B 8 7.10 13.73 -22.21
CA VAL B 8 7.79 12.55 -22.71
C VAL B 8 6.86 11.86 -23.71
N PRO B 9 7.12 11.95 -25.02
CA PRO B 9 6.16 11.38 -25.99
C PRO B 9 5.94 9.89 -25.77
N GLY B 10 4.67 9.50 -25.79
CA GLY B 10 4.28 8.12 -25.59
C GLY B 10 4.11 7.71 -24.14
N LEU B 11 4.46 8.58 -23.19
CA LEU B 11 4.36 8.22 -21.78
C LEU B 11 2.94 7.89 -21.37
N GLY B 12 1.95 8.55 -21.99
CA GLY B 12 0.56 8.33 -21.60
C GLY B 12 0.08 6.92 -21.85
N GLN B 13 0.53 6.30 -22.94
CA GLN B 13 0.15 4.92 -23.20
C GLN B 13 0.76 3.98 -22.18
N ARG B 14 1.96 4.31 -21.70
CA ARG B 14 2.62 3.48 -20.73
C ARG B 14 1.98 3.64 -19.35
N LYS B 15 1.59 4.86 -18.98
CA LYS B 15 0.83 5.05 -17.75
C LYS B 15 -0.42 4.18 -17.76
N GLN B 16 -1.16 4.21 -18.87
CA GLN B 16 -2.38 3.41 -18.94
C GLN B 16 -2.06 1.92 -18.89
N GLN B 17 -0.96 1.50 -19.50
CA GLN B 17 -0.57 0.10 -19.38
C GLN B 17 -0.31 -0.28 -17.92
N ILE B 18 0.38 0.60 -17.18
CA ILE B 18 0.62 0.31 -15.78
C ILE B 18 -0.70 0.22 -15.02
N LEU B 19 -1.60 1.16 -15.27
CA LEU B 19 -2.87 1.15 -14.54
C LEU B 19 -3.74 -0.03 -14.94
N ASN B 20 -3.63 -0.48 -16.20
CA ASN B 20 -4.38 -1.64 -16.69
C ASN B 20 -3.79 -2.97 -16.26
N SER B 21 -2.56 -2.98 -15.73
CA SER B 21 -1.87 -4.18 -15.31
C SER B 21 -1.87 -4.36 -13.80
N GLY B 22 -2.82 -3.73 -13.11
CA GLY B 22 -2.94 -3.86 -11.67
C GLY B 22 -2.37 -2.69 -10.89
N GLY B 23 -1.68 -1.77 -11.54
CA GLY B 23 -1.09 -0.66 -10.85
C GLY B 23 -2.10 0.40 -10.48
N GLY B 24 -1.77 1.17 -9.45
CA GLY B 24 -2.54 2.33 -9.06
C GLY B 24 -1.75 3.61 -9.25
N VAL B 25 -2.39 4.73 -8.91
CA VAL B 25 -1.74 6.03 -9.04
C VAL B 25 -0.47 6.05 -8.22
N TRP B 26 -0.52 5.43 -7.04
CA TRP B 26 0.64 5.34 -6.16
C TRP B 26 1.80 4.60 -6.85
N ASP B 27 1.51 3.49 -7.51
CA ASP B 27 2.56 2.79 -8.25
C ASP B 27 3.12 3.68 -9.35
N LEU B 28 2.24 4.39 -10.05
CA LEU B 28 2.69 5.29 -11.11
C LEU B 28 3.66 6.32 -10.56
N ALA B 29 3.37 6.87 -9.38
CA ALA B 29 4.23 7.86 -8.78
C ALA B 29 5.62 7.31 -8.52
N ILE B 30 5.70 6.09 -7.97
CA ILE B 30 7.00 5.49 -7.69
C ILE B 30 7.76 5.24 -8.98
N ALA B 31 7.10 4.62 -9.97
CA ALA B 31 7.75 4.35 -11.23
C ALA B 31 8.18 5.65 -11.94
N MET B 32 7.38 6.71 -11.82
CA MET B 32 7.71 7.95 -12.51
C MET B 32 9.00 8.56 -11.97
N LEU B 33 9.23 8.45 -10.67
CA LEU B 33 10.47 8.93 -10.10
C LEU B 33 11.66 8.08 -10.55
N GLU B 34 11.43 6.78 -10.77
CA GLU B 34 12.55 5.86 -11.01
C GLU B 34 13.14 6.00 -12.41
N THR B 35 12.29 6.14 -13.43
CA THR B 35 12.77 6.32 -14.80
C THR B 35 11.95 7.38 -15.51
N LYS B 36 12.54 7.94 -16.57
CA LYS B 36 11.86 8.91 -17.40
C LYS B 36 10.76 8.28 -18.25
N ASN B 37 10.99 7.05 -18.73
CA ASN B 37 10.09 6.42 -19.70
C ASN B 37 9.20 5.35 -19.10
N LEU B 38 9.16 5.22 -17.76
CA LEU B 38 8.39 4.18 -17.10
C LEU B 38 8.77 2.79 -17.63
N GLY B 39 10.06 2.60 -17.87
CA GLY B 39 10.55 1.43 -18.57
C GLY B 39 11.50 0.61 -17.72
N THR B 40 12.01 -0.46 -18.34
CA THR B 40 12.96 -1.35 -17.67
C THR B 40 14.27 -1.48 -18.45
N ASP B 41 14.52 -0.58 -19.39
CA ASP B 41 15.66 -0.69 -20.28
C ASP B 41 16.87 0.08 -19.78
N TYR B 42 16.91 0.41 -18.48
CA TYR B 42 18.16 0.86 -17.89
C TYR B 42 19.15 -0.31 -17.87
N VAL B 43 20.40 -0.02 -17.50
CA VAL B 43 21.43 -1.06 -17.53
C VAL B 43 21.03 -2.18 -16.58
N TYR B 44 21.39 -3.42 -16.96
CA TYR B 44 21.01 -4.61 -16.21
C TYR B 44 21.35 -4.47 -14.73
N GLY B 45 20.37 -4.76 -13.87
CA GLY B 45 20.53 -4.63 -12.44
C GLY B 45 20.74 -3.21 -11.96
N ASP B 46 20.54 -2.23 -12.83
CA ASP B 46 20.98 -0.84 -12.64
C ASP B 46 22.45 -0.76 -12.24
N GLY B 47 23.25 -1.66 -12.81
CA GLY B 47 24.68 -1.68 -12.55
C GLY B 47 25.06 -2.32 -11.24
N LYS B 48 24.11 -2.87 -10.51
CA LYS B 48 24.41 -3.45 -9.22
C LYS B 48 24.13 -4.94 -9.27
N THR B 49 24.61 -5.65 -8.25
CA THR B 49 24.59 -7.10 -8.22
C THR B 49 24.12 -7.59 -6.87
N TYR B 50 23.73 -8.87 -6.83
CA TYR B 50 23.37 -9.59 -5.61
C TYR B 50 22.23 -8.83 -4.92
N ASP B 51 22.33 -8.53 -3.62
CA ASP B 51 21.17 -7.95 -2.94
C ASP B 51 20.88 -6.53 -3.41
N SER B 52 21.86 -5.85 -4.00
CA SER B 52 21.69 -4.47 -4.42
C SER B 52 21.09 -4.32 -5.80
N ALA B 53 20.98 -5.42 -6.56
CA ALA B 53 20.55 -5.32 -7.95
C ALA B 53 19.10 -4.84 -8.04
N ASN B 54 18.82 -4.05 -9.08
CA ASN B 54 17.51 -3.43 -9.30
C ASN B 54 16.83 -4.00 -10.53
N PHE B 55 15.53 -4.27 -10.42
CA PHE B 55 14.76 -4.89 -11.51
C PHE B 55 13.40 -4.23 -11.60
N GLY B 56 12.83 -4.24 -12.81
CA GLY B 56 11.48 -3.75 -13.01
C GLY B 56 11.36 -2.24 -13.09
N ILE B 57 10.12 -1.76 -13.26
CA ILE B 57 9.90 -0.34 -13.50
C ILE B 57 10.09 0.48 -12.23
N PHE B 58 10.09 -0.17 -11.06
CA PHE B 58 10.31 0.54 -9.81
C PHE B 58 11.74 0.46 -9.34
N LYS B 59 12.59 -0.29 -10.05
CA LYS B 59 13.95 -0.56 -9.59
C LYS B 59 13.93 -1.13 -8.17
N GLN B 60 13.06 -2.12 -7.98
CA GLN B 60 13.04 -2.87 -6.73
C GLN B 60 14.37 -3.59 -6.57
N ASN B 61 14.88 -3.66 -5.35
CA ASN B 61 16.15 -4.36 -5.16
C ASN B 61 15.91 -5.82 -4.77
N TRP B 62 16.92 -6.64 -5.06
CA TRP B 62 16.76 -8.08 -4.88
C TRP B 62 16.53 -8.43 -3.41
N PHE B 63 17.18 -7.71 -2.48
CA PHE B 63 16.91 -7.99 -1.07
C PHE B 63 15.42 -7.90 -0.77
N MET B 64 14.77 -6.83 -1.21
CA MET B 64 13.34 -6.69 -0.95
C MET B 64 12.55 -7.78 -1.66
N LEU B 65 12.90 -8.07 -2.91
CA LEU B 65 12.16 -9.09 -3.65
C LEU B 65 12.24 -10.44 -2.94
N ARG B 66 13.43 -10.85 -2.52
CA ARG B 66 13.58 -12.20 -1.97
C ARG B 66 13.07 -12.31 -0.55
N THR B 67 12.75 -11.20 0.12
CA THR B 67 12.25 -11.28 1.49
C THR B 67 10.76 -10.98 1.62
N SER B 68 10.10 -10.44 0.58
CA SER B 68 8.76 -9.93 0.81
C SER B 68 7.76 -10.12 -0.34
N THR B 69 8.07 -10.91 -1.36
CA THR B 69 7.15 -11.13 -2.47
C THR B 69 6.80 -12.60 -2.56
N SER B 70 5.59 -12.89 -3.06
CA SER B 70 5.24 -14.29 -3.27
C SER B 70 6.14 -14.94 -4.32
N GLN B 71 6.55 -14.17 -5.33
CA GLN B 71 7.30 -14.72 -6.45
C GLN B 71 8.74 -15.08 -6.07
N PHE B 72 9.37 -14.36 -5.13
CA PHE B 72 10.79 -14.60 -4.86
C PHE B 72 11.10 -14.94 -3.41
N LYS B 73 10.11 -14.99 -2.52
CA LYS B 73 10.39 -15.22 -1.11
C LYS B 73 11.13 -16.55 -0.93
N GLY B 74 12.16 -16.54 -0.08
CA GLY B 74 12.95 -17.71 0.16
C GLY B 74 14.16 -17.85 -0.73
N GLN B 75 14.25 -17.10 -1.82
CA GLN B 75 15.39 -17.24 -2.69
C GLN B 75 16.63 -16.57 -2.08
N THR B 76 17.79 -17.01 -2.53
CA THR B 76 19.05 -16.56 -1.93
C THR B 76 19.59 -15.32 -2.62
N THR B 77 20.54 -14.68 -1.94
CA THR B 77 21.29 -13.59 -2.56
C THR B 77 21.95 -14.04 -3.86
N ASN B 78 22.48 -15.26 -3.87
CA ASN B 78 23.16 -15.77 -5.04
C ASN B 78 22.21 -15.97 -6.22
N GLN B 79 20.91 -16.04 -5.97
CA GLN B 79 19.93 -16.23 -7.02
C GLN B 79 19.43 -14.91 -7.60
N TRP B 80 20.16 -13.80 -7.40
CA TRP B 80 19.66 -12.47 -7.72
C TRP B 80 19.27 -12.30 -9.20
N ASN B 81 19.89 -13.04 -10.11
CA ASN B 81 19.51 -12.88 -11.51
C ASN B 81 18.08 -13.33 -11.78
N ASN B 82 17.48 -14.10 -10.88
CA ASN B 82 16.08 -14.50 -11.07
C ASN B 82 15.17 -13.29 -11.11
N GLY B 83 15.58 -12.18 -10.49
CA GLY B 83 14.74 -10.99 -10.48
C GLY B 83 14.53 -10.39 -11.85
N ALA B 84 15.42 -10.68 -12.80
CA ALA B 84 15.35 -10.08 -14.13
C ALA B 84 14.07 -10.39 -14.88
N VAL B 85 13.31 -11.40 -14.45
CA VAL B 85 12.04 -11.66 -15.12
C VAL B 85 11.11 -10.48 -14.96
N LEU B 86 11.30 -9.65 -13.93
CA LEU B 86 10.43 -8.50 -13.78
C LEU B 86 10.67 -7.46 -14.87
N ASN B 87 11.81 -7.52 -15.54
CA ASN B 87 12.05 -6.55 -16.61
C ASN B 87 11.16 -6.78 -17.82
N SER B 88 10.52 -7.95 -17.92
CA SER B 88 9.70 -8.28 -19.07
C SER B 88 8.28 -8.73 -18.71
N ASN B 89 7.90 -8.67 -17.43
CA ASN B 89 6.54 -9.04 -17.02
C ASN B 89 6.02 -7.92 -16.13
N LEU B 90 5.32 -6.96 -16.75
CA LEU B 90 4.83 -5.81 -16.01
C LEU B 90 3.84 -6.22 -14.92
N GLN B 91 2.95 -7.17 -15.23
CA GLN B 91 2.00 -7.64 -14.23
C GLN B 91 2.70 -8.16 -12.98
N GLN B 92 3.74 -8.98 -13.15
CA GLN B 92 4.44 -9.54 -11.99
C GLN B 92 5.22 -8.46 -11.24
N ASP B 93 5.79 -7.52 -11.99
CA ASP B 93 6.53 -6.41 -11.42
C ASP B 93 5.66 -5.61 -10.46
N ILE B 94 4.44 -5.27 -10.92
CA ILE B 94 3.52 -4.49 -10.10
C ILE B 94 3.06 -5.29 -8.89
N LYS B 95 2.71 -6.56 -9.12
CA LYS B 95 2.25 -7.41 -8.03
C LYS B 95 3.33 -7.60 -6.98
N ALA B 96 4.59 -7.75 -7.42
CA ALA B 96 5.68 -7.90 -6.48
C ALA B 96 5.84 -6.65 -5.61
N ARG B 97 5.75 -5.46 -6.21
CA ARG B 97 5.93 -4.26 -5.41
C ARG B 97 4.80 -4.07 -4.42
N GLN B 98 3.57 -4.35 -4.85
CA GLN B 98 2.44 -4.21 -3.94
C GLN B 98 2.54 -5.21 -2.79
N GLU B 99 2.95 -6.44 -3.11
CA GLU B 99 3.11 -7.44 -2.05
C GLU B 99 4.23 -7.05 -1.09
N SER B 100 5.32 -6.49 -1.62
CA SER B 100 6.41 -6.05 -0.78
C SER B 100 5.97 -4.94 0.17
N GLN B 101 5.23 -3.96 -0.36
CA GLN B 101 4.73 -2.89 0.49
C GLN B 101 3.70 -3.40 1.49
N ASN B 102 2.90 -4.40 1.12
CA ASN B 102 1.90 -4.93 2.04
C ASN B 102 2.50 -5.89 3.07
N TYR B 103 3.73 -6.36 2.83
CA TYR B 103 4.45 -7.14 3.84
C TYR B 103 5.12 -6.23 4.84
N TYR B 104 5.88 -5.25 4.34
CA TYR B 104 6.66 -4.37 5.20
C TYR B 104 5.84 -3.22 5.77
N GLY B 105 4.72 -2.88 5.16
CA GLY B 105 4.04 -1.64 5.43
C GLY B 105 4.74 -0.49 4.72
N PRO B 106 4.04 0.62 4.53
CA PRO B 106 4.62 1.73 3.74
C PRO B 106 5.97 2.22 4.28
N ASP B 107 6.05 2.52 5.58
CA ASP B 107 7.25 3.16 6.10
C ASP B 107 8.46 2.25 5.95
N LYS B 108 8.34 0.98 6.38
CA LYS B 108 9.45 0.06 6.21
C LYS B 108 9.72 -0.24 4.74
N TRP B 109 8.67 -0.29 3.90
CA TRP B 109 8.93 -0.53 2.48
C TRP B 109 9.80 0.57 1.89
N PHE B 110 9.46 1.83 2.16
CA PHE B 110 10.28 2.92 1.67
C PHE B 110 11.72 2.74 2.10
N ALA B 111 11.94 2.33 3.35
CA ALA B 111 13.29 2.21 3.87
C ALA B 111 14.06 1.11 3.16
N GLY B 112 13.44 -0.06 3.01
CA GLY B 112 14.14 -1.18 2.39
C GLY B 112 14.29 -1.00 0.90
N HIS B 113 13.35 -0.29 0.29
CA HIS B 113 13.45 0.02 -1.12
C HIS B 113 14.61 0.97 -1.39
N ARG B 114 14.80 1.97 -0.52
CA ARG B 114 15.85 2.94 -0.75
C ARG B 114 17.21 2.44 -0.27
N ASN B 115 17.26 1.81 0.91
CA ASN B 115 18.54 1.49 1.52
C ASN B 115 18.70 0.01 1.80
N GLY B 116 17.82 -0.84 1.30
CA GLY B 116 18.00 -2.26 1.50
C GLY B 116 17.87 -2.68 2.96
N GLU B 117 18.57 -3.76 3.29
CA GLU B 117 18.49 -4.31 4.63
C GLU B 117 18.85 -3.27 5.68
N SER B 118 19.87 -2.46 5.41
CA SER B 118 20.28 -1.47 6.41
C SER B 118 19.20 -0.42 6.62
N GLY B 119 18.41 -0.12 5.59
CA GLY B 119 17.30 0.82 5.75
C GLY B 119 16.24 0.33 6.71
N LEU B 120 16.03 -0.97 6.80
CA LEU B 120 15.04 -1.53 7.72
C LEU B 120 15.41 -1.29 9.17
N SER B 121 16.69 -1.07 9.47
CA SER B 121 17.08 -0.83 10.86
C SER B 121 16.54 0.49 11.39
N ASN B 122 16.17 1.43 10.52
CA ASN B 122 15.54 2.67 10.94
C ASN B 122 14.88 3.36 9.75
N PRO B 123 13.57 3.25 9.61
CA PRO B 123 12.89 3.80 8.43
C PRO B 123 12.85 5.31 8.40
N TYR B 124 13.27 6.01 9.44
CA TYR B 124 12.92 7.41 9.59
C TYR B 124 14.10 8.35 9.45
N THR B 125 15.21 7.85 8.91
CA THR B 125 16.36 8.70 8.59
C THR B 125 16.01 9.73 7.51
N GLN B 126 16.83 10.78 7.44
CA GLN B 126 16.52 11.91 6.56
C GLN B 126 16.55 11.50 5.10
N ASP B 127 17.49 10.64 4.72
CA ASP B 127 17.57 10.27 3.32
C ASP B 127 16.33 9.49 2.90
N ILE B 128 15.82 8.63 3.77
CA ILE B 128 14.58 7.94 3.43
C ILE B 128 13.43 8.93 3.41
N THR B 129 13.40 9.86 4.36
CA THR B 129 12.33 10.86 4.37
C THR B 129 12.33 11.70 3.09
N ASN B 130 13.51 12.04 2.58
CA ASN B 130 13.60 12.81 1.34
C ASN B 130 13.01 12.04 0.16
N TYR B 131 13.27 10.74 0.08
CA TYR B 131 12.72 9.96 -1.03
C TYR B 131 11.21 9.85 -0.89
N LYS B 132 10.75 9.49 0.31
CA LYS B 132 9.31 9.43 0.58
C LYS B 132 8.62 10.74 0.23
N ASP B 133 9.22 11.88 0.59
CA ASP B 133 8.59 13.16 0.30
C ASP B 133 8.48 13.38 -1.19
N ALA B 134 9.51 12.96 -1.95
CA ALA B 134 9.50 13.15 -3.40
C ALA B 134 8.40 12.31 -4.04
N VAL B 135 8.28 11.05 -3.65
CA VAL B 135 7.20 10.22 -4.19
C VAL B 135 5.85 10.83 -3.86
N ASN B 136 5.68 11.27 -2.62
CA ASN B 136 4.42 11.88 -2.23
C ASN B 136 4.12 13.15 -3.02
N TRP B 137 5.15 13.93 -3.37
CA TRP B 137 4.90 15.10 -4.21
C TRP B 137 4.43 14.70 -5.60
N ILE B 138 5.11 13.73 -6.21
CA ILE B 138 4.70 13.26 -7.54
C ILE B 138 3.29 12.71 -7.49
N HIS B 139 2.98 11.91 -6.46
CA HIS B 139 1.62 11.38 -6.36
C HIS B 139 0.60 12.50 -6.31
N ASP B 140 0.85 13.52 -5.49
CA ASP B 140 -0.09 14.63 -5.36
C ASP B 140 -0.32 15.29 -6.71
N GLN B 141 0.72 15.41 -7.53
CA GLN B 141 0.54 16.02 -8.85
C GLN B 141 -0.31 15.13 -9.74
N LEU B 142 0.04 13.84 -9.84
CA LEU B 142 -0.75 12.91 -10.66
C LEU B 142 -2.20 12.87 -10.20
N ALA B 143 -2.42 12.91 -8.89
CA ALA B 143 -3.77 12.84 -8.34
C ALA B 143 -4.55 14.13 -8.55
N SER B 144 -3.88 15.20 -8.96
CA SER B 144 -4.53 16.50 -8.99
C SER B 144 -5.45 16.66 -10.19
N ASP B 145 -5.25 15.88 -11.26
CA ASP B 145 -6.02 15.97 -12.50
C ASP B 145 -5.98 14.64 -13.25
N PRO B 146 -7.13 14.01 -13.50
CA PRO B 146 -7.14 12.74 -14.23
C PRO B 146 -6.46 12.81 -15.59
N LYS B 147 -6.31 13.99 -16.18
CA LYS B 147 -5.61 14.12 -17.45
C LYS B 147 -4.18 13.59 -17.33
N TYR B 148 -3.56 13.77 -16.17
CA TYR B 148 -2.18 13.34 -15.97
C TYR B 148 -2.02 11.83 -15.93
N LEU B 149 -3.12 11.07 -15.85
CA LEU B 149 -3.00 9.62 -15.90
C LEU B 149 -2.89 9.07 -17.31
N SER B 150 -3.11 9.89 -18.34
CA SER B 150 -3.03 9.38 -19.69
C SER B 150 -2.38 10.33 -20.68
N ASP B 151 -1.92 11.50 -20.26
CA ASP B 151 -1.21 12.40 -21.15
C ASP B 151 0.29 12.10 -21.06
N ASP B 152 1.12 12.88 -21.74
CA ASP B 152 2.56 12.61 -21.76
C ASP B 152 3.33 13.41 -20.71
N THR B 153 2.67 13.90 -19.68
CA THR B 153 3.34 14.71 -18.66
C THR B 153 4.08 13.84 -17.66
N ARG B 154 5.35 14.16 -17.44
CA ARG B 154 6.14 13.55 -16.38
C ARG B 154 6.41 14.60 -15.30
N PHE B 155 6.11 14.27 -14.06
CA PHE B 155 6.55 15.07 -12.91
C PHE B 155 7.83 14.44 -12.37
N TRP B 156 8.83 15.27 -12.13
CA TRP B 156 10.12 14.76 -11.68
C TRP B 156 10.60 15.54 -10.46
N VAL B 157 11.36 14.85 -9.61
CA VAL B 157 12.05 15.43 -8.47
C VAL B 157 13.50 15.00 -8.53
N ASP B 158 14.42 15.93 -8.29
CA ASP B 158 15.84 15.62 -8.26
C ASP B 158 16.20 15.24 -6.82
N VAL B 159 16.17 13.95 -6.53
CA VAL B 159 16.45 13.50 -5.16
C VAL B 159 17.93 13.18 -4.94
C1 BMA C . -8.15 -3.88 26.60
C2 BMA C . -8.77 -4.89 25.61
C3 BMA C . -8.86 -4.29 24.18
C4 BMA C . -9.35 -2.82 24.18
C5 BMA C . -8.62 -1.98 25.26
C6 BMA C . -9.16 -0.57 25.37
O1 BMA C . -8.31 -4.38 27.91
O2 BMA C . -10.10 -5.26 25.98
O3 BMA C . -9.70 -5.07 23.35
O4 BMA C . -8.90 -2.44 22.82
O5 BMA C . -8.78 -2.61 26.54
O6 BMA C . -8.57 0.19 24.33
C1 BMA C . -9.74 -1.71 21.93
C2 BMA C . -8.87 -0.67 21.17
C3 BMA C . -9.77 0.08 20.22
C4 BMA C . -10.54 -0.88 19.28
C5 BMA C . -11.30 -1.98 20.09
C6 BMA C . -11.92 -3.06 19.20
O2 BMA C . -7.87 -1.31 20.36
O3 BMA C . -9.02 1.04 19.45
O4 BMA C . -11.69 -0.09 18.82
O5 BMA C . -10.37 -2.61 21.04
O6 BMA C . -12.71 -3.92 20.03
C1 BMA C . -11.53 0.27 17.48
C2 BMA C . -12.93 0.62 16.95
C3 BMA C . -12.81 1.29 15.58
C4 BMA C . -11.80 2.47 15.61
C5 BMA C . -10.43 1.99 16.16
C6 BMA C . -9.43 3.13 16.35
O2 BMA C . -13.55 1.57 17.83
O3 BMA C . -14.07 1.75 15.10
O4 BMA C . -11.66 3.01 14.31
O5 BMA C . -10.63 1.36 17.44
O6 BMA C . -10.08 4.20 17.07
C1 BMA D . 15.43 17.45 -15.56
C2 BMA D . 15.04 16.28 -16.46
C3 BMA D . 14.48 15.15 -15.59
C4 BMA D . 15.41 14.81 -14.40
C5 BMA D . 15.83 16.12 -13.66
C6 BMA D . 16.84 15.93 -12.51
O1 BMA D . 16.05 18.41 -16.39
O2 BMA D . 16.20 15.77 -17.11
O3 BMA D . 14.24 13.99 -16.40
O4 BMA D . 14.56 13.84 -13.65
O5 BMA D . 16.38 17.04 -14.61
O6 BMA D . 17.69 14.83 -12.79
C1 BMA D . 15.33 12.78 -13.11
C2 BMA D . 15.06 12.77 -11.61
C3 BMA D . 15.82 11.59 -10.98
C4 BMA D . 15.48 10.27 -11.71
C5 BMA D . 15.67 10.40 -13.25
C6 BMA D . 15.18 9.16 -14.00
O2 BMA D . 13.66 12.59 -11.39
O3 BMA D . 15.61 11.47 -9.56
O4 BMA D . 16.44 9.63 -11.27
O5 BMA D . 14.94 11.56 -13.73
O6 BMA D . 15.39 9.37 -15.39
C1 BMA D . 15.99 8.49 -10.59
C2 BMA D . 17.02 7.40 -10.85
C3 BMA D . 16.66 6.13 -10.06
C4 BMA D . 16.29 6.40 -8.57
C5 BMA D . 15.44 7.70 -8.37
C6 BMA D . 15.46 8.19 -6.94
O2 BMA D . 18.32 7.84 -10.42
O3 BMA D . 17.71 5.15 -10.10
O4 BMA D . 15.58 5.25 -8.06
O5 BMA D . 15.94 8.80 -9.20
O6 BMA D . 16.83 8.52 -6.60
#